data_2C0B
#
_entry.id   2C0B
#
_cell.length_a   196.049
_cell.length_b   196.049
_cell.length_c   142.660
_cell.angle_alpha   90.00
_cell.angle_beta   90.00
_cell.angle_gamma   120.00
#
_symmetry.space_group_name_H-M   'P 62 2 2'
#
loop_
_entity.id
_entity.type
_entity.pdbx_description
1 polymer 'RIBONUCLEASE E'
2 polymer "5'-R(*UP*UP*UP*AP*CP*AP*GP*UP*AP*UP*UP*UP*G)-3'"
3 non-polymer 'MAGNESIUM ION'
4 non-polymer 'ZINC ION'
5 water water
#
loop_
_entity_poly.entity_id
_entity_poly.type
_entity_poly.pdbx_seq_one_letter_code
_entity_poly.pdbx_strand_id
1 'polypeptide(L)'
;AHIEGRHMKRMLINATQQEELRVALVDGQRLYDLDIESPGHEQKKANIYKGKITRIEPSLEAAFVDYGAERHGFLPLKEI
AREYFPANYSAHGRPNIKDVLREGQEVIVQIDKEERGNKGAALTTFISLAGSYLVLMPNNPRAGGISRRIEGDDRTELKE
ALASLELPEGMGLIVRTAGVGKSAEALQWDLSFRLKHWEAIKKAAESRPAPFLIHQESNVIVRAFRDYLRQDIGEILIDN
PKVLELARQHIAALGRPDFSSKIKLYTGEIPLFSHYQIESQIESAFQREVRLPSGGSIVIDSTEALTAIDINSARATRGG
DIEETAFNTNLEAADEIARQLRLRDLGGLIVIDFIDMTPVRHQRAVENRLREAVRQDRARIQISHISRFGLLEMSRQRLS
PSLGESSHHVCPRCSGTGTVRDNESLSLSILRLIEEEALKENTQEVHAIVPVPIASYLLNEKRSAVNAIETRQDGVRCVI
VPNDQMETPHYHVLRVRKGEETPTLSYMLPKLHEEAM
;
L
2 'polyribonucleotide' UUUACAGUAUUUG R
#
loop_
_chem_comp.id
_chem_comp.type
_chem_comp.name
_chem_comp.formula
A RNA linking ADENOSINE-5'-MONOPHOSPHATE 'C10 H14 N5 O7 P'
C RNA linking CYTIDINE-5'-MONOPHOSPHATE 'C9 H14 N3 O8 P'
G RNA linking GUANOSINE-5'-MONOPHOSPHATE 'C10 H14 N5 O8 P'
MG non-polymer 'MAGNESIUM ION' 'Mg 2'
U RNA linking URIDINE-5'-MONOPHOSPHATE 'C9 H13 N2 O9 P'
ZN non-polymer 'ZINC ION' 'Zn 2'
#
# COMPACT_ATOMS: atom_id res chain seq x y z
N ALA A 1 -13.93 -1.49 -26.50
CA ALA A 1 -13.43 -0.84 -27.75
C ALA A 1 -12.49 0.34 -27.46
N HIS A 2 -11.87 0.33 -26.29
CA HIS A 2 -11.10 1.50 -25.84
C HIS A 2 -9.83 1.83 -26.64
N ILE A 3 -9.85 2.98 -27.31
CA ILE A 3 -8.67 3.49 -27.99
C ILE A 3 -8.27 4.79 -27.32
N GLU A 4 -7.04 4.87 -26.83
CA GLU A 4 -6.67 6.11 -26.18
C GLU A 4 -6.90 7.22 -27.18
N GLY A 5 -7.33 8.40 -26.71
CA GLY A 5 -7.59 9.54 -27.59
C GLY A 5 -9.06 9.74 -27.98
N ARG A 6 -9.78 8.66 -28.22
CA ARG A 6 -11.14 8.81 -28.67
C ARG A 6 -11.86 9.84 -27.82
N HIS A 7 -11.95 9.59 -26.51
CA HIS A 7 -12.73 10.44 -25.62
C HIS A 7 -11.89 11.36 -24.77
N MET A 8 -12.55 12.29 -24.09
CA MET A 8 -11.85 13.25 -23.23
C MET A 8 -11.26 12.55 -22.04
N LYS A 9 -10.23 13.14 -21.46
CA LYS A 9 -9.72 12.65 -20.21
C LYS A 9 -10.01 13.76 -19.23
N ARG A 10 -10.88 13.51 -18.26
CA ARG A 10 -11.11 14.53 -17.24
C ARG A 10 -10.53 14.09 -15.93
N MET A 11 -10.15 15.05 -15.11
CA MET A 11 -9.88 14.72 -13.71
C MET A 11 -11.14 15.07 -12.90
N LEU A 12 -11.80 14.07 -12.32
CA LEU A 12 -12.96 14.26 -11.45
C LEU A 12 -12.52 14.40 -10.00
N ILE A 13 -12.77 15.55 -9.39
CA ILE A 13 -12.53 15.67 -7.97
C ILE A 13 -13.84 15.65 -7.24
N ASN A 14 -14.00 14.67 -6.36
CA ASN A 14 -15.22 14.54 -5.60
C ASN A 14 -15.01 14.87 -4.12
N ALA A 15 -15.56 16.00 -3.70
CA ALA A 15 -15.28 16.52 -2.38
C ALA A 15 -16.54 16.92 -1.59
N THR A 16 -17.65 16.20 -1.83
CA THR A 16 -18.85 16.43 -1.04
C THR A 16 -18.95 15.61 0.24
N GLN A 17 -17.92 14.86 0.60
CA GLN A 17 -17.94 14.06 1.82
C GLN A 17 -16.71 14.36 2.68
N GLN A 18 -16.91 14.94 3.86
CA GLN A 18 -15.77 15.43 4.66
C GLN A 18 -14.74 14.34 4.85
N GLU A 19 -15.20 13.11 5.02
CA GLU A 19 -14.31 12.07 5.49
C GLU A 19 -13.50 11.31 4.44
N GLU A 20 -13.70 11.63 3.16
CA GLU A 20 -12.99 10.92 2.08
C GLU A 20 -13.00 11.78 0.83
N LEU A 21 -11.89 12.49 0.59
CA LEU A 21 -11.71 13.32 -0.62
C LEU A 21 -11.23 12.43 -1.77
N ARG A 22 -11.85 12.55 -2.94
CA ARG A 22 -11.58 11.56 -3.99
C ARG A 22 -11.24 12.17 -5.35
N VAL A 23 -10.09 11.78 -5.90
CA VAL A 23 -9.69 12.28 -7.22
C VAL A 23 -9.54 11.20 -8.28
N ALA A 24 -10.37 11.24 -9.30
CA ALA A 24 -10.36 10.20 -10.33
C ALA A 24 -9.79 10.74 -11.63
N LEU A 25 -8.97 9.95 -12.33
CA LEU A 25 -8.64 10.29 -13.69
C LEU A 25 -9.54 9.39 -14.48
N VAL A 26 -10.31 9.95 -15.37
CA VAL A 26 -11.20 9.11 -16.14
C VAL A 26 -10.95 9.44 -17.58
N ASP A 27 -11.00 8.42 -18.42
CA ASP A 27 -10.91 8.60 -19.86
C ASP A 27 -12.27 8.14 -20.39
N GLY A 28 -13.11 9.10 -20.81
CA GLY A 28 -14.49 8.76 -21.17
C GLY A 28 -15.18 8.40 -19.88
N GLN A 29 -15.77 7.20 -19.82
CA GLN A 29 -16.18 6.66 -18.51
C GLN A 29 -15.25 5.53 -18.01
N ARG A 30 -13.99 5.53 -18.39
CA ARG A 30 -13.13 4.47 -17.95
C ARG A 30 -12.25 5.02 -16.87
N LEU A 31 -12.43 4.53 -15.65
CA LEU A 31 -11.63 5.02 -14.53
C LEU A 31 -10.29 4.43 -14.79
N TYR A 32 -9.23 5.23 -14.73
CA TYR A 32 -7.90 4.69 -14.95
C TYR A 32 -6.90 5.16 -13.92
N ASP A 33 -7.38 5.86 -12.92
CA ASP A 33 -6.59 6.04 -11.71
C ASP A 33 -7.41 6.79 -10.67
N LEU A 34 -7.18 6.46 -9.40
CA LEU A 34 -7.98 6.97 -8.30
C LEU A 34 -7.10 7.38 -7.15
N ASP A 35 -7.46 8.46 -6.50
CA ASP A 35 -6.73 8.80 -5.31
C ASP A 35 -7.69 9.30 -4.25
N ILE A 36 -7.61 8.68 -3.08
CA ILE A 36 -8.47 9.04 -1.97
C ILE A 36 -7.61 9.60 -0.86
N GLU A 37 -8.13 10.60 -0.15
CA GLU A 37 -7.45 11.15 1.01
C GLU A 37 -8.43 11.41 2.15
N SER A 38 -8.05 11.01 3.35
CA SER A 38 -8.92 11.14 4.52
C SER A 38 -8.25 11.96 5.62
N PRO A 39 -8.96 12.96 6.12
CA PRO A 39 -8.51 13.71 7.30
C PRO A 39 -7.77 12.82 8.30
N GLU A 42 -3.11 10.29 7.00
CA GLU A 42 -2.85 11.02 5.76
C GLU A 42 -1.36 11.04 5.44
N GLN A 43 -1.03 11.44 4.22
CA GLN A 43 0.19 11.01 3.56
C GLN A 43 1.43 11.63 4.22
N LYS A 44 2.48 10.84 4.37
CA LYS A 44 3.68 11.28 5.08
C LYS A 44 4.91 11.23 4.19
N LYS A 45 4.75 10.64 3.01
CA LYS A 45 5.84 10.53 2.04
C LYS A 45 6.27 11.91 1.54
N ALA A 46 7.57 12.15 1.51
CA ALA A 46 8.11 13.38 0.95
C ALA A 46 8.16 14.49 1.98
N ASN A 47 7.65 14.23 3.18
CA ASN A 47 7.84 15.15 4.28
C ASN A 47 9.33 15.22 4.60
N ILE A 48 9.79 16.39 5.04
CA ILE A 48 11.19 16.55 5.39
C ILE A 48 11.36 16.81 6.87
N TYR A 49 12.47 16.33 7.44
CA TYR A 49 12.69 16.43 8.87
C TYR A 49 14.13 16.75 9.24
N LYS A 50 14.30 17.44 10.36
CA LYS A 50 15.61 17.50 11.02
C LYS A 50 15.75 16.17 11.74
N GLY A 51 16.86 15.47 11.52
CA GLY A 51 16.98 14.10 12.01
C GLY A 51 18.21 13.76 12.83
N LYS A 52 17.97 13.18 14.00
CA LYS A 52 19.06 12.75 14.89
C LYS A 52 19.26 11.24 14.80
N ILE A 53 20.48 10.83 14.46
CA ILE A 53 20.83 9.41 14.33
C ILE A 53 20.65 8.68 15.66
N THR A 54 19.91 7.57 15.64
CA THR A 54 19.68 6.77 16.84
C THR A 54 20.80 5.76 17.09
N ARG A 55 20.99 4.82 16.17
CA ARG A 55 21.88 3.67 16.43
C ARG A 55 22.48 2.98 15.21
N ILE A 56 23.65 3.45 14.74
CA ILE A 56 24.40 2.75 13.68
C ILE A 56 24.57 1.28 14.07
N GLU A 57 24.37 0.38 13.11
CA GLU A 57 24.42 -1.05 13.38
C GLU A 57 24.81 -1.84 12.13
N ALA A 62 24.23 1.62 6.64
CA ALA A 62 23.28 2.66 7.02
C ALA A 62 22.79 2.52 8.47
N ALA A 63 22.08 3.53 8.97
CA ALA A 63 21.59 3.54 10.36
C ALA A 63 20.13 4.02 10.53
N PHE A 64 19.57 3.78 11.72
CA PHE A 64 18.21 4.24 12.06
C PHE A 64 18.17 5.71 12.52
N VAL A 65 16.96 6.27 12.64
CA VAL A 65 16.77 7.70 12.90
C VAL A 65 15.57 8.06 13.79
N ASP A 66 15.68 9.19 14.49
CA ASP A 66 14.53 9.78 15.16
C ASP A 66 14.18 11.10 14.46
N TYR A 67 13.12 11.04 13.65
CA TYR A 67 12.62 12.22 12.98
C TYR A 67 11.36 12.65 13.70
N GLY A 68 11.11 12.01 14.83
CA GLY A 68 10.05 12.45 15.74
C GLY A 68 8.92 11.46 15.88
N ALA A 69 8.82 10.53 14.94
CA ALA A 69 7.69 9.62 14.92
C ALA A 69 7.80 8.52 15.98
N GLU A 70 6.65 8.02 16.41
CA GLU A 70 6.61 6.94 17.40
C GLU A 70 7.67 5.88 17.13
N ARG A 71 8.10 5.79 15.89
CA ARG A 71 9.05 4.76 15.47
C ARG A 71 10.18 5.42 14.67
N HIS A 72 11.41 5.00 14.90
CA HIS A 72 12.53 5.59 14.19
C HIS A 72 12.52 5.15 12.73
N GLY A 73 13.24 5.88 11.89
CA GLY A 73 13.26 5.59 10.45
C GLY A 73 14.57 4.96 10.02
N PHE A 74 14.57 4.40 8.81
CA PHE A 74 15.72 3.67 8.30
C PHE A 74 16.50 4.54 7.30
N LEU A 75 17.83 4.56 7.43
CA LEU A 75 18.65 5.39 6.55
C LEU A 75 19.82 4.59 5.96
N PRO A 76 19.90 4.51 4.62
CA PRO A 76 20.88 3.69 3.92
C PRO A 76 22.20 4.42 3.74
N LEU A 77 23.30 3.70 3.87
CA LEU A 77 24.61 4.29 3.62
C LEU A 77 24.53 4.94 2.24
N LYS A 78 23.95 4.21 1.29
CA LYS A 78 23.78 4.69 -0.08
C LYS A 78 23.20 6.09 -0.10
N GLU A 79 22.47 6.44 0.96
CA GLU A 79 21.69 7.67 0.98
C GLU A 79 22.27 8.80 1.85
N ILE A 80 23.43 8.57 2.47
CA ILE A 80 24.13 9.61 3.20
C ILE A 80 24.76 10.59 2.20
N ALA A 81 25.16 11.77 2.65
CA ALA A 81 25.63 12.81 1.71
C ALA A 81 27.15 13.01 1.67
N ARG A 82 27.59 13.86 0.74
CA ARG A 82 28.99 14.28 0.71
C ARG A 82 29.18 15.37 1.75
N GLU A 83 28.31 16.38 1.69
CA GLU A 83 28.32 17.48 2.66
C GLU A 83 27.98 17.03 4.10
N TYR A 84 27.37 15.86 4.25
CA TYR A 84 27.01 15.36 5.57
C TYR A 84 28.03 14.34 6.08
N PHE A 85 29.03 14.05 5.25
CA PHE A 85 30.11 13.12 5.60
C PHE A 85 31.30 13.85 6.22
N PRO A 86 31.31 14.00 7.56
CA PRO A 86 32.35 14.75 8.26
C PRO A 86 33.65 14.80 7.45
N ARG A 94 34.24 2.79 -0.99
CA ARG A 94 33.21 1.99 -0.33
C ARG A 94 33.55 1.74 1.16
N PRO A 95 33.28 2.73 2.03
CA PRO A 95 33.57 2.66 3.47
C PRO A 95 32.37 2.19 4.29
N ASN A 96 32.62 1.88 5.57
CA ASN A 96 31.53 1.49 6.46
C ASN A 96 30.93 2.73 7.16
N ILE A 97 29.61 2.73 7.32
CA ILE A 97 28.88 3.86 7.91
C ILE A 97 29.40 4.25 9.29
N LYS A 98 29.91 3.27 10.04
CA LYS A 98 30.54 3.54 11.33
C LYS A 98 31.62 4.61 11.14
N ASP A 99 31.84 4.97 9.87
CA ASP A 99 32.83 6.00 9.50
C ASP A 99 32.21 7.40 9.29
N VAL A 100 31.30 7.53 8.30
CA VAL A 100 30.75 8.84 7.94
C VAL A 100 29.84 9.54 8.98
N LEU A 101 29.00 8.76 9.68
CA LEU A 101 28.00 9.35 10.57
C LEU A 101 28.13 8.91 12.04
N ARG A 102 28.34 9.89 12.92
CA ARG A 102 28.45 9.64 14.36
C ARG A 102 27.08 9.62 15.02
N GLU A 103 26.90 8.76 16.01
CA GLU A 103 25.64 8.67 16.75
C GLU A 103 25.18 10.06 17.16
N GLY A 104 23.85 10.24 17.26
CA GLY A 104 23.26 11.53 17.64
C GLY A 104 23.43 12.64 16.61
N GLN A 105 24.25 12.39 15.58
CA GLN A 105 24.52 13.39 14.53
C GLN A 105 23.25 13.87 13.81
N GLU A 106 23.10 15.18 13.71
CA GLU A 106 21.94 15.77 13.04
C GLU A 106 22.14 15.84 11.52
N VAL A 107 21.07 15.60 10.76
CA VAL A 107 21.11 15.68 9.29
C VAL A 107 19.72 15.81 8.64
N ILE A 108 19.66 16.53 7.52
CA ILE A 108 18.40 16.78 6.80
C ILE A 108 17.88 15.48 6.20
N VAL A 109 16.58 15.21 6.39
CA VAL A 109 16.03 13.91 6.05
C VAL A 109 14.64 13.91 5.38
N GLN A 110 14.51 13.18 4.28
CA GLN A 110 13.23 13.03 3.57
C GLN A 110 12.74 11.57 3.61
N ILE A 111 11.44 11.38 3.42
CA ILE A 111 10.90 10.03 3.44
C ILE A 111 10.72 9.50 2.02
N ASP A 112 11.45 8.45 1.67
CA ASP A 112 11.28 7.83 0.36
C ASP A 112 10.09 6.87 0.40
N LYS A 113 10.01 6.07 1.45
CA LYS A 113 8.94 5.08 1.56
C LYS A 113 8.29 5.16 2.94
N GLU A 114 6.97 5.25 2.97
CA GLU A 114 6.21 5.34 4.22
C GLU A 114 6.37 4.10 5.08
N GLU A 115 5.71 4.10 6.23
CA GLU A 115 5.84 2.99 7.15
C GLU A 115 5.00 1.82 6.68
N ARG A 116 5.64 0.69 6.43
CA ARG A 116 4.89 -0.53 6.13
C ARG A 116 5.08 -1.63 7.18
N GLY A 117 3.98 -2.15 7.71
CA GLY A 117 4.02 -3.19 8.73
C GLY A 117 4.90 -2.82 9.91
N ASN A 118 6.10 -3.38 9.95
CA ASN A 118 7.04 -3.14 11.04
C ASN A 118 8.22 -2.22 10.67
N LYS A 119 8.50 -2.09 9.37
CA LYS A 119 9.59 -1.23 8.91
C LYS A 119 9.36 0.22 9.30
N GLY A 120 10.45 0.94 9.52
CA GLY A 120 10.33 2.34 9.92
C GLY A 120 9.92 3.17 8.73
N ALA A 121 10.91 3.60 7.97
CA ALA A 121 10.64 4.26 6.70
C ALA A 121 11.98 4.40 6.01
N ALA A 122 11.95 4.50 4.68
CA ALA A 122 13.17 4.85 4.00
C ALA A 122 13.32 6.35 4.14
N LEU A 123 14.49 6.78 4.61
CA LEU A 123 14.80 8.20 4.61
C LEU A 123 16.03 8.39 3.75
N THR A 124 16.18 9.60 3.20
CA THR A 124 17.34 9.89 2.38
C THR A 124 17.85 11.30 2.64
N THR A 125 19.18 11.43 2.66
CA THR A 125 19.78 12.73 2.83
C THR A 125 20.04 13.36 1.45
N PHE A 126 19.69 12.63 0.39
CA PHE A 126 19.49 13.28 -0.89
C PHE A 126 18.03 13.72 -0.89
N ILE A 127 17.82 15.03 -0.99
CA ILE A 127 16.48 15.57 -0.84
C ILE A 127 15.98 16.12 -2.17
N SER A 128 14.74 15.77 -2.52
CA SER A 128 14.19 16.11 -3.82
C SER A 128 12.99 17.03 -3.69
N LEU A 129 12.91 18.02 -4.57
CA LEU A 129 11.88 19.04 -4.48
C LEU A 129 11.08 19.17 -5.76
N ALA A 130 9.80 18.84 -5.66
CA ALA A 130 8.99 18.73 -6.84
C ALA A 130 8.15 19.96 -7.08
N GLY A 131 8.27 20.52 -8.29
CA GLY A 131 7.38 21.58 -8.71
C GLY A 131 6.71 21.11 -9.99
N SER A 132 5.84 21.94 -10.54
CA SER A 132 5.19 21.57 -11.79
C SER A 132 6.13 21.09 -12.90
N TYR A 133 7.25 21.77 -13.13
CA TYR A 133 8.12 21.44 -14.27
C TYR A 133 9.52 20.90 -13.95
N LEU A 134 9.97 21.12 -12.73
CA LEU A 134 11.28 20.63 -12.40
C LEU A 134 11.30 19.87 -11.11
N VAL A 135 12.45 19.29 -10.82
CA VAL A 135 12.66 18.70 -9.52
C VAL A 135 14.08 19.02 -9.08
N LEU A 136 14.19 19.90 -8.09
CA LEU A 136 15.49 20.27 -7.57
C LEU A 136 16.04 19.12 -6.76
N MET A 137 17.32 18.85 -6.95
CA MET A 137 17.99 17.76 -6.26
C MET A 137 19.10 18.35 -5.39
N PRO A 138 18.84 19.53 -4.81
CA PRO A 138 19.83 20.34 -4.13
C PRO A 138 21.02 19.53 -3.63
N ASN A 139 20.74 18.52 -2.81
CA ASN A 139 21.76 17.77 -2.12
C ASN A 139 22.59 16.86 -3.03
N ASN A 140 22.43 16.99 -4.34
CA ASN A 140 23.20 16.20 -5.30
C ASN A 140 23.11 16.74 -6.73
N PRO A 141 24.26 16.81 -7.44
CA PRO A 141 24.31 17.19 -8.84
C PRO A 141 24.41 15.95 -9.74
N ARG A 142 24.83 14.83 -9.15
CA ARG A 142 24.95 13.56 -9.85
C ARG A 142 23.74 13.22 -10.70
N ALA A 143 22.54 13.37 -10.13
CA ALA A 143 21.30 13.02 -10.82
C ALA A 143 20.53 14.25 -11.32
N GLY A 144 20.17 14.23 -12.61
CA GLY A 144 19.40 15.30 -13.21
C GLY A 144 19.31 15.10 -14.71
N GLY A 145 18.28 15.67 -15.34
CA GLY A 145 18.11 15.50 -16.77
C GLY A 145 16.67 15.24 -17.20
N ILE A 146 16.53 14.54 -18.33
CA ILE A 146 15.25 14.38 -18.99
C ILE A 146 14.28 13.40 -18.34
N SER A 147 12.99 13.70 -18.52
CA SER A 147 11.91 12.75 -18.34
C SER A 147 12.00 11.74 -19.47
N ARG A 148 12.31 10.49 -19.14
CA ARG A 148 12.39 9.47 -20.17
C ARG A 148 11.12 9.45 -21.03
N ARG A 149 10.22 10.40 -20.81
CA ARG A 149 8.91 10.34 -21.47
C ARG A 149 8.70 11.41 -22.53
N ILE A 150 9.66 12.32 -22.65
CA ILE A 150 9.50 13.49 -23.53
C ILE A 150 9.96 13.29 -24.99
N GLU A 157 14.98 20.51 -27.91
CA GLU A 157 14.55 21.88 -27.69
C GLU A 157 14.67 22.25 -26.21
N LEU A 158 14.63 21.24 -25.35
CA LEU A 158 14.67 21.46 -23.92
C LEU A 158 16.06 21.19 -23.35
N LYS A 159 16.77 20.24 -23.94
CA LYS A 159 18.16 20.00 -23.56
C LYS A 159 18.85 21.36 -23.61
N GLU A 160 18.42 22.18 -24.57
CA GLU A 160 18.92 23.55 -24.75
C GLU A 160 18.38 24.49 -23.68
N ALA A 161 17.05 24.56 -23.57
CA ALA A 161 16.40 25.35 -22.54
C ALA A 161 16.88 24.98 -21.13
N LEU A 162 17.24 23.72 -20.94
CA LEU A 162 17.74 23.25 -19.65
C LEU A 162 19.06 23.94 -19.25
N ALA A 163 20.06 23.83 -20.13
CA ALA A 163 21.40 24.37 -19.89
C ALA A 163 21.39 25.82 -19.38
N SER A 164 20.63 26.67 -20.07
CA SER A 164 20.59 28.10 -19.80
C SER A 164 20.46 28.46 -18.31
N LEU A 165 20.17 27.47 -17.47
CA LEU A 165 19.84 27.74 -16.07
C LEU A 165 21.04 27.80 -15.10
N GLU A 166 20.87 28.59 -14.03
CA GLU A 166 21.88 28.70 -12.98
C GLU A 166 21.71 27.61 -11.92
N LEU A 167 22.63 27.55 -10.96
CA LEU A 167 22.74 26.39 -10.09
C LEU A 167 24.09 26.42 -9.38
N PRO A 168 24.26 25.54 -8.37
CA PRO A 168 25.57 25.01 -7.96
C PRO A 168 25.76 23.56 -8.40
N LEU A 173 19.52 18.65 -11.08
CA LEU A 173 18.07 18.86 -11.16
C LEU A 173 17.46 18.18 -12.40
N ILE A 174 16.14 17.93 -12.36
CA ILE A 174 15.44 17.28 -13.48
C ILE A 174 14.26 18.07 -14.01
N VAL A 175 13.93 17.81 -15.27
CA VAL A 175 12.78 18.43 -15.90
C VAL A 175 11.66 17.41 -16.00
N ARG A 176 10.46 17.85 -15.63
CA ARG A 176 9.30 16.98 -15.51
C ARG A 176 8.65 16.70 -16.85
N THR A 177 7.91 15.61 -16.94
CA THR A 177 7.16 15.27 -18.12
C THR A 177 6.19 16.39 -18.54
N ALA A 178 6.14 17.47 -17.77
CA ALA A 178 5.11 18.47 -18.02
C ALA A 178 5.67 19.78 -18.58
N GLY A 179 6.99 19.86 -18.68
CA GLY A 179 7.64 21.02 -19.29
C GLY A 179 7.46 21.09 -20.80
N VAL A 180 7.11 19.95 -21.40
CA VAL A 180 6.94 19.85 -22.84
C VAL A 180 6.38 21.12 -23.48
N GLY A 181 5.26 21.62 -22.97
CA GLY A 181 4.60 22.77 -23.59
C GLY A 181 4.86 24.15 -23.00
N LYS A 182 6.12 24.42 -22.66
CA LYS A 182 6.45 25.67 -21.98
C LYS A 182 7.85 26.15 -22.37
N SER A 183 8.18 27.37 -21.94
CA SER A 183 9.44 28.01 -22.30
C SER A 183 10.45 27.96 -21.16
N ALA A 184 11.47 28.82 -21.24
CA ALA A 184 12.59 28.77 -20.31
C ALA A 184 12.37 29.59 -19.05
N GLU A 185 11.65 30.69 -19.20
CA GLU A 185 11.40 31.56 -18.05
C GLU A 185 10.64 30.77 -16.99
N ALA A 186 9.68 29.98 -17.47
CA ALA A 186 8.84 29.17 -16.59
C ALA A 186 9.69 28.18 -15.81
N LEU A 187 10.65 27.56 -16.49
CA LEU A 187 11.59 26.67 -15.79
C LEU A 187 12.38 27.48 -14.78
N GLN A 188 12.82 28.67 -15.18
CA GLN A 188 13.49 29.58 -14.26
C GLN A 188 12.55 29.98 -13.12
N TRP A 189 11.33 30.37 -13.48
CA TRP A 189 10.31 30.71 -12.48
C TRP A 189 10.13 29.59 -11.46
N ASP A 190 10.05 28.35 -11.97
CA ASP A 190 10.01 27.16 -11.13
C ASP A 190 11.34 27.03 -10.36
N LEU A 191 12.43 26.90 -11.11
CA LEU A 191 13.77 26.71 -10.54
C LEU A 191 14.04 27.58 -9.33
N SER A 192 13.64 28.85 -9.44
CA SER A 192 13.80 29.79 -8.35
C SER A 192 12.98 29.37 -7.12
N PHE A 193 11.66 29.41 -7.26
CA PHE A 193 10.77 29.05 -6.17
C PHE A 193 11.27 27.82 -5.43
N ARG A 194 11.80 26.87 -6.19
CA ARG A 194 12.37 25.68 -5.62
C ARG A 194 13.46 26.08 -4.65
N LEU A 195 14.43 26.82 -5.18
CA LEU A 195 15.56 27.31 -4.39
C LEU A 195 15.13 28.05 -3.13
N LYS A 196 14.28 29.07 -3.27
CA LYS A 196 13.71 29.71 -2.10
C LYS A 196 13.42 28.63 -1.04
N HIS A 197 12.59 27.65 -1.41
CA HIS A 197 12.27 26.55 -0.49
C HIS A 197 13.54 25.94 0.12
N TRP A 198 14.41 25.40 -0.74
CA TRP A 198 15.68 24.84 -0.30
C TRP A 198 16.34 25.68 0.78
N GLU A 199 16.44 26.98 0.51
CA GLU A 199 17.01 27.92 1.46
C GLU A 199 16.18 27.93 2.74
N ALA A 200 14.91 28.30 2.63
CA ALA A 200 14.01 28.27 3.78
C ALA A 200 14.10 26.93 4.48
N ILE A 201 14.43 25.88 3.73
CA ILE A 201 14.53 24.53 4.27
C ILE A 201 15.70 24.43 5.24
N LYS A 202 16.92 24.66 4.73
CA LYS A 202 18.11 24.50 5.57
C LYS A 202 18.30 25.64 6.57
N LYS A 203 17.34 26.57 6.59
CA LYS A 203 17.37 27.69 7.54
C LYS A 203 16.62 27.32 8.83
N ALA A 204 15.39 26.81 8.68
CA ALA A 204 14.65 26.30 9.82
C ALA A 204 15.35 25.04 10.33
N ALA A 205 16.39 24.62 9.62
CA ALA A 205 17.19 23.46 10.02
C ALA A 205 18.38 23.89 10.88
N GLU A 206 18.97 25.04 10.51
CA GLU A 206 20.06 25.65 11.27
C GLU A 206 19.53 26.46 12.45
N SER A 207 18.21 26.40 12.65
CA SER A 207 17.54 27.22 13.66
C SER A 207 16.67 26.40 14.62
N ARG A 208 17.23 25.37 15.24
CA ARG A 208 16.50 24.62 16.26
C ARG A 208 17.24 23.34 16.68
N PRO A 209 16.71 22.65 17.70
CA PRO A 209 17.16 21.29 18.00
C PRO A 209 17.10 20.43 16.73
N ALA A 210 17.18 19.12 16.91
CA ALA A 210 17.31 18.23 15.76
C ALA A 210 16.03 17.46 15.36
N PRO A 211 15.26 16.99 16.36
CA PRO A 211 14.11 16.09 16.10
C PRO A 211 12.80 16.80 15.72
N PHE A 212 12.74 17.36 14.51
CA PHE A 212 11.59 18.18 14.11
C PHE A 212 11.19 18.05 12.64
N LEU A 213 9.90 18.19 12.38
CA LEU A 213 9.38 18.24 11.03
C LEU A 213 9.76 19.56 10.37
N ILE A 214 10.13 19.53 9.10
CA ILE A 214 10.57 20.74 8.39
C ILE A 214 9.61 21.09 7.27
N HIS A 215 9.23 20.08 6.49
CA HIS A 215 8.33 20.28 5.38
C HIS A 215 7.28 19.18 5.30
N GLN A 216 6.02 19.58 5.20
CA GLN A 216 4.92 18.65 5.04
C GLN A 216 4.54 18.61 3.56
N GLU A 217 4.33 17.42 3.02
CA GLU A 217 3.97 17.33 1.62
C GLU A 217 2.58 17.91 1.36
N SER A 218 2.35 18.42 0.16
CA SER A 218 1.04 18.95 -0.19
C SER A 218 -0.06 17.90 -0.13
N ASN A 219 -1.30 18.35 -0.09
CA ASN A 219 -2.42 17.42 -0.02
C ASN A 219 -2.80 16.80 -1.36
N VAL A 220 -3.80 15.92 -1.33
CA VAL A 220 -4.14 15.14 -2.49
C VAL A 220 -4.51 15.97 -3.71
N ILE A 221 -5.10 17.14 -3.49
CA ILE A 221 -5.49 17.89 -4.65
C ILE A 221 -4.29 18.56 -5.25
N VAL A 222 -3.43 19.08 -4.41
CA VAL A 222 -2.26 19.75 -4.92
C VAL A 222 -1.44 18.75 -5.72
N ARG A 223 -0.97 17.71 -5.04
CA ARG A 223 -0.29 16.58 -5.68
C ARG A 223 -0.89 16.24 -7.05
N ALA A 224 -2.21 16.14 -7.16
CA ALA A 224 -2.81 15.84 -8.46
C ALA A 224 -2.35 16.89 -9.46
N PHE A 225 -2.80 18.12 -9.23
CA PHE A 225 -2.43 19.25 -10.07
C PHE A 225 -0.95 19.30 -10.34
N ARG A 226 -0.15 19.03 -9.33
CA ARG A 226 1.27 19.03 -9.54
C ARG A 226 1.71 17.86 -10.41
N ASP A 227 1.21 16.66 -10.15
CA ASP A 227 1.81 15.47 -10.76
C ASP A 227 1.03 14.79 -11.86
N TYR A 228 -0.21 15.17 -12.09
CA TYR A 228 -1.04 14.39 -13.04
C TYR A 228 -1.65 15.19 -14.17
N LEU A 229 -1.23 16.44 -14.34
CA LEU A 229 -1.84 17.28 -15.33
C LEU A 229 -1.05 17.28 -16.63
N ARG A 230 -1.26 16.25 -17.43
CA ARG A 230 -0.71 16.24 -18.75
C ARG A 230 -1.54 17.20 -19.58
N GLN A 231 -1.01 17.63 -20.72
CA GLN A 231 -1.75 18.54 -21.61
C GLN A 231 -3.08 17.92 -22.12
N ASP A 232 -3.16 16.59 -22.10
CA ASP A 232 -4.34 15.85 -22.58
C ASP A 232 -5.49 15.77 -21.58
N ILE A 233 -5.35 16.42 -20.43
CA ILE A 233 -6.47 16.45 -19.50
C ILE A 233 -7.48 17.51 -19.91
N GLY A 234 -8.62 17.06 -20.44
CA GLY A 234 -9.60 17.99 -20.99
C GLY A 234 -10.12 19.01 -19.98
N GLU A 235 -11.01 18.54 -19.11
CA GLU A 235 -11.56 19.36 -18.05
C GLU A 235 -11.03 18.87 -16.70
N ILE A 236 -11.19 19.71 -15.67
CA ILE A 236 -11.07 19.28 -14.27
C ILE A 236 -12.37 19.59 -13.53
N LEU A 237 -13.34 18.68 -13.55
CA LEU A 237 -14.62 18.87 -12.84
C LEU A 237 -14.50 18.86 -11.31
N ILE A 238 -15.34 19.65 -10.64
CA ILE A 238 -15.41 19.61 -9.18
C ILE A 238 -16.79 19.72 -8.58
N ASP A 239 -17.08 18.89 -7.57
CA ASP A 239 -18.45 18.81 -7.08
C ASP A 239 -18.71 19.73 -5.89
N ASN A 240 -17.69 20.45 -5.43
CA ASN A 240 -17.94 21.46 -4.42
C ASN A 240 -17.18 22.78 -4.54
N PRO A 241 -17.95 23.88 -4.54
CA PRO A 241 -17.62 25.31 -4.63
C PRO A 241 -16.47 25.72 -3.73
N LYS A 242 -16.62 25.51 -2.42
CA LYS A 242 -15.54 25.91 -1.54
C LYS A 242 -14.20 25.34 -2.07
N VAL A 243 -14.20 24.05 -2.37
CA VAL A 243 -12.96 23.39 -2.77
C VAL A 243 -12.48 23.93 -4.11
N LEU A 244 -13.37 23.90 -5.09
CA LEU A 244 -13.06 24.52 -6.37
C LEU A 244 -12.25 25.79 -6.14
N GLU A 245 -12.86 26.76 -5.46
CA GLU A 245 -12.18 28.03 -5.22
C GLU A 245 -10.77 27.73 -4.71
N LEU A 246 -10.69 27.02 -3.60
CA LEU A 246 -9.39 26.55 -3.16
C LEU A 246 -8.58 26.00 -4.34
N ALA A 247 -9.26 25.27 -5.23
CA ALA A 247 -8.58 24.61 -6.35
C ALA A 247 -7.87 25.63 -7.21
N ARG A 248 -8.61 26.64 -7.65
CA ARG A 248 -8.05 27.71 -8.46
C ARG A 248 -6.75 28.26 -7.87
N GLN A 249 -6.83 28.77 -6.66
CA GLN A 249 -5.65 29.33 -6.03
C GLN A 249 -4.51 28.33 -6.08
N HIS A 250 -4.86 27.05 -6.13
CA HIS A 250 -3.85 26.00 -6.13
C HIS A 250 -3.15 25.88 -7.48
N ILE A 251 -3.94 26.00 -8.54
CA ILE A 251 -3.39 26.03 -9.88
C ILE A 251 -2.42 27.18 -10.04
N ALA A 252 -2.93 28.40 -9.86
CA ALA A 252 -2.16 29.62 -10.05
C ALA A 252 -0.87 29.54 -9.25
N ALA A 253 -1.01 29.38 -7.94
CA ALA A 253 0.16 29.23 -7.09
C ALA A 253 1.05 28.13 -7.65
N LEU A 254 0.48 27.28 -8.49
CA LEU A 254 1.21 26.10 -8.96
C LEU A 254 1.87 26.36 -10.30
N GLY A 255 1.59 27.54 -10.86
CA GLY A 255 2.16 27.93 -12.14
C GLY A 255 1.60 27.12 -13.29
N ARG A 256 0.28 27.04 -13.35
CA ARG A 256 -0.37 26.26 -14.38
C ARG A 256 -1.54 27.06 -14.91
N PRO A 257 -1.37 28.38 -14.95
CA PRO A 257 -2.39 29.33 -15.39
C PRO A 257 -3.27 28.78 -16.49
N ASP A 258 -2.68 28.07 -17.46
CA ASP A 258 -3.41 27.51 -18.60
C ASP A 258 -4.63 26.71 -18.17
N PHE A 259 -4.42 25.76 -17.26
CA PHE A 259 -5.51 24.92 -16.74
C PHE A 259 -6.70 25.66 -16.15
N SER A 260 -6.45 26.81 -15.51
CA SER A 260 -7.54 27.62 -14.97
C SER A 260 -8.84 27.55 -15.76
N SER A 261 -8.77 27.84 -17.05
CA SER A 261 -10.01 27.80 -17.84
C SER A 261 -10.62 26.41 -17.77
N LYS A 262 -9.80 25.42 -17.43
CA LYS A 262 -10.22 24.03 -17.51
C LYS A 262 -11.01 23.53 -16.29
N ILE A 263 -10.78 24.16 -15.14
CA ILE A 263 -11.47 23.84 -13.91
C ILE A 263 -12.95 24.28 -13.94
N LYS A 264 -13.87 23.32 -13.98
CA LYS A 264 -15.30 23.65 -14.02
C LYS A 264 -16.06 22.99 -12.86
N LEU A 265 -16.92 23.76 -12.22
CA LEU A 265 -17.71 23.25 -11.11
C LEU A 265 -18.87 22.39 -11.62
N TYR A 266 -19.00 21.18 -11.07
CA TYR A 266 -20.08 20.28 -11.46
C TYR A 266 -21.27 20.58 -10.57
N THR A 267 -22.46 20.66 -11.18
CA THR A 267 -23.69 20.85 -10.40
C THR A 267 -24.77 20.00 -11.00
N GLY A 268 -24.69 18.70 -10.79
CA GLY A 268 -25.78 17.82 -11.17
C GLY A 268 -26.35 17.31 -9.86
N GLU A 269 -27.61 16.92 -9.84
CA GLU A 269 -28.17 16.33 -8.62
C GLU A 269 -27.48 14.99 -8.47
N ILE A 270 -27.41 14.26 -9.58
CA ILE A 270 -26.66 13.01 -9.65
C ILE A 270 -25.17 13.22 -9.35
N PRO A 271 -24.64 12.45 -8.39
CA PRO A 271 -23.26 12.63 -7.89
C PRO A 271 -22.24 12.49 -9.01
N LEU A 272 -21.12 13.21 -8.86
CA LEU A 272 -20.17 13.33 -9.94
C LEU A 272 -19.70 11.96 -10.41
N PHE A 273 -18.83 11.31 -9.61
CA PHE A 273 -18.36 9.98 -9.95
C PHE A 273 -19.50 9.10 -10.39
N SER A 274 -20.71 9.40 -9.97
CA SER A 274 -21.83 8.58 -10.42
C SER A 274 -22.25 8.92 -11.84
N HIS A 275 -22.27 10.21 -12.15
CA HIS A 275 -22.68 10.64 -13.47
C HIS A 275 -21.73 10.07 -14.51
N TYR A 276 -20.44 10.20 -14.24
CA TYR A 276 -19.44 9.57 -15.09
C TYR A 276 -19.32 8.05 -14.92
N GLN A 277 -20.29 7.45 -14.25
CA GLN A 277 -20.37 6.00 -14.21
C GLN A 277 -19.05 5.36 -13.83
N ILE A 278 -18.42 5.79 -12.75
CA ILE A 278 -17.18 5.16 -12.40
C ILE A 278 -17.16 4.53 -11.00
N GLU A 279 -18.30 4.50 -10.33
CA GLU A 279 -18.27 4.05 -8.95
C GLU A 279 -18.11 2.53 -8.86
N SER A 280 -18.70 1.82 -9.81
CA SER A 280 -18.55 0.38 -9.80
C SER A 280 -17.06 0.11 -9.97
N GLN A 281 -16.44 0.82 -10.89
CA GLN A 281 -15.05 0.55 -11.15
C GLN A 281 -14.25 0.86 -9.91
N ILE A 282 -14.53 1.97 -9.26
CA ILE A 282 -13.85 2.24 -8.01
C ILE A 282 -14.02 1.09 -7.03
N GLU A 283 -15.24 0.58 -6.92
CA GLU A 283 -15.42 -0.55 -6.06
C GLU A 283 -14.56 -1.76 -6.47
N SER A 284 -14.48 -2.07 -7.76
CA SER A 284 -13.70 -3.25 -8.13
C SER A 284 -12.33 -3.21 -7.48
N ALA A 285 -11.88 -2.03 -7.10
CA ALA A 285 -10.56 -2.02 -6.51
C ALA A 285 -10.54 -2.82 -5.22
N PHE A 286 -11.72 -3.24 -4.78
CA PHE A 286 -11.87 -3.76 -3.42
C PHE A 286 -12.26 -5.19 -3.45
N GLN A 287 -12.67 -5.71 -4.60
CA GLN A 287 -13.03 -7.12 -4.70
C GLN A 287 -11.83 -8.06 -4.89
N ARG A 288 -12.00 -9.33 -4.58
CA ARG A 288 -10.94 -10.28 -4.82
C ARG A 288 -11.07 -10.73 -6.27
N GLU A 289 -12.30 -10.84 -6.76
CA GLU A 289 -12.50 -11.21 -8.16
C GLU A 289 -12.86 -9.95 -8.94
N VAL A 290 -12.48 -9.89 -10.22
CA VAL A 290 -12.82 -8.77 -11.08
C VAL A 290 -13.16 -9.28 -12.47
N ARG A 291 -14.40 -9.08 -12.89
CA ARG A 291 -14.86 -9.64 -14.15
C ARG A 291 -14.23 -8.92 -15.32
N LEU A 292 -13.83 -9.68 -16.32
CA LEU A 292 -13.29 -9.11 -17.54
C LEU A 292 -14.38 -8.98 -18.59
N PRO A 293 -14.18 -8.05 -19.54
CA PRO A 293 -15.10 -7.68 -20.61
C PRO A 293 -15.75 -8.91 -21.19
N SER A 294 -14.96 -9.76 -21.83
CA SER A 294 -15.53 -10.92 -22.49
C SER A 294 -16.10 -11.99 -21.56
N GLY A 295 -16.10 -11.76 -20.25
CA GLY A 295 -16.68 -12.77 -19.35
C GLY A 295 -15.85 -13.39 -18.23
N GLY A 296 -14.61 -13.78 -18.51
CA GLY A 296 -13.77 -14.43 -17.52
C GLY A 296 -13.36 -13.45 -16.44
N SER A 297 -12.31 -13.75 -15.69
CA SER A 297 -12.00 -12.87 -14.58
C SER A 297 -10.60 -13.01 -14.02
N ILE A 298 -10.25 -12.09 -13.14
CA ILE A 298 -8.99 -12.23 -12.47
C ILE A 298 -9.23 -12.25 -10.98
N VAL A 299 -8.46 -13.06 -10.27
CA VAL A 299 -8.55 -13.09 -8.84
C VAL A 299 -7.25 -12.61 -8.25
N ILE A 300 -7.33 -11.61 -7.40
CA ILE A 300 -6.13 -11.03 -6.85
C ILE A 300 -6.07 -11.48 -5.42
N ASP A 301 -4.92 -11.97 -4.97
CA ASP A 301 -4.76 -12.58 -3.66
C ASP A 301 -3.48 -12.06 -3.14
N SER A 302 -3.46 -11.51 -1.95
CA SER A 302 -2.21 -10.96 -1.48
C SER A 302 -1.66 -11.92 -0.44
N THR A 303 -0.37 -11.87 -0.16
CA THR A 303 0.27 -12.84 0.72
C THR A 303 1.52 -12.25 1.32
N GLU A 304 2.06 -12.93 2.31
CA GLU A 304 3.21 -12.40 3.03
C GLU A 304 4.23 -11.87 2.04
N ALA A 305 4.65 -12.74 1.14
CA ALA A 305 5.68 -12.43 0.13
C ALA A 305 5.23 -11.45 -0.98
N LEU A 306 4.11 -11.75 -1.61
CA LEU A 306 3.81 -11.22 -2.92
C LEU A 306 2.30 -11.22 -3.19
N THR A 307 1.88 -10.46 -4.17
CA THR A 307 0.51 -10.54 -4.60
C THR A 307 0.47 -11.56 -5.72
N ALA A 308 -0.65 -12.25 -5.88
CA ALA A 308 -0.73 -13.30 -6.84
C ALA A 308 -2.05 -13.19 -7.58
N ILE A 309 -1.99 -13.07 -8.90
CA ILE A 309 -3.20 -12.84 -9.66
C ILE A 309 -3.34 -14.08 -10.45
N ASP A 310 -4.57 -14.54 -10.62
CA ASP A 310 -4.89 -15.77 -11.29
C ASP A 310 -5.95 -15.38 -12.25
N ILE A 311 -6.28 -16.24 -13.20
CA ILE A 311 -7.06 -15.80 -14.33
C ILE A 311 -7.91 -16.93 -14.82
N ASN A 312 -9.22 -16.73 -14.88
CA ASN A 312 -10.12 -17.79 -15.30
C ASN A 312 -10.85 -17.34 -16.55
N SER A 313 -11.05 -18.27 -17.48
CA SER A 313 -11.88 -18.05 -18.65
C SER A 313 -13.36 -18.17 -18.28
N ALA A 314 -14.23 -17.70 -19.16
CA ALA A 314 -15.67 -17.54 -18.84
C ALA A 314 -16.55 -18.75 -19.15
N ARG A 315 -16.90 -18.92 -20.42
CA ARG A 315 -17.84 -19.96 -20.85
C ARG A 315 -17.36 -21.36 -20.52
N ASP A 321 -13.23 -21.72 -30.40
CA ASP A 321 -11.82 -22.10 -30.42
C ASP A 321 -11.16 -21.91 -29.06
N ILE A 322 -10.62 -22.98 -28.52
CA ILE A 322 -9.91 -22.89 -27.24
C ILE A 322 -8.76 -21.91 -27.31
N GLU A 323 -7.74 -22.30 -28.04
CA GLU A 323 -6.52 -21.53 -28.18
C GLU A 323 -6.82 -20.05 -28.23
N GLU A 324 -7.93 -19.70 -28.91
CA GLU A 324 -8.33 -18.32 -29.09
C GLU A 324 -8.70 -17.76 -27.75
N THR A 325 -9.87 -18.19 -27.27
CA THR A 325 -10.31 -17.89 -25.91
C THR A 325 -9.16 -17.68 -24.91
N ALA A 326 -8.33 -18.68 -24.72
CA ALA A 326 -7.27 -18.49 -23.78
C ALA A 326 -6.54 -17.17 -24.07
N PHE A 327 -6.23 -16.94 -25.34
CA PHE A 327 -5.42 -15.78 -25.74
C PHE A 327 -6.18 -14.52 -25.44
N ASN A 328 -7.43 -14.49 -25.88
CA ASN A 328 -8.15 -13.25 -25.83
C ASN A 328 -8.33 -12.89 -24.38
N THR A 329 -8.71 -13.86 -23.56
CA THR A 329 -8.91 -13.59 -22.15
C THR A 329 -7.63 -13.08 -21.50
N ASN A 330 -6.53 -13.79 -21.71
CA ASN A 330 -5.29 -13.37 -21.11
C ASN A 330 -5.05 -11.93 -21.48
N LEU A 331 -5.38 -11.57 -22.72
CA LEU A 331 -5.19 -10.17 -23.16
C LEU A 331 -6.02 -9.18 -22.36
N GLU A 332 -7.32 -9.44 -22.25
CA GLU A 332 -8.15 -8.64 -21.36
C GLU A 332 -7.50 -8.60 -19.97
N ALA A 333 -7.15 -9.79 -19.48
CA ALA A 333 -6.64 -9.90 -18.16
C ALA A 333 -5.44 -8.99 -18.00
N ALA A 334 -4.64 -8.83 -19.04
CA ALA A 334 -3.45 -8.00 -18.91
C ALA A 334 -3.88 -6.57 -18.65
N ASP A 335 -4.77 -6.06 -19.49
CA ASP A 335 -5.20 -4.68 -19.40
C ASP A 335 -5.71 -4.46 -17.99
N GLU A 336 -6.63 -5.29 -17.55
CA GLU A 336 -7.21 -5.13 -16.21
C GLU A 336 -6.16 -5.13 -15.13
N ILE A 337 -5.32 -6.15 -15.13
CA ILE A 337 -4.30 -6.22 -14.13
C ILE A 337 -3.56 -4.87 -14.08
N ALA A 338 -3.38 -4.27 -15.23
CA ALA A 338 -2.56 -3.10 -15.28
C ALA A 338 -3.24 -2.02 -14.46
N ARG A 339 -4.54 -1.83 -14.66
CA ARG A 339 -5.24 -0.80 -13.89
C ARG A 339 -5.52 -1.12 -12.41
N GLN A 340 -5.87 -2.38 -12.12
CA GLN A 340 -5.96 -2.83 -10.74
C GLN A 340 -4.66 -2.56 -10.03
N LEU A 341 -3.56 -2.76 -10.73
CA LEU A 341 -2.28 -2.53 -10.10
C LEU A 341 -2.33 -1.13 -9.55
N ARG A 342 -2.89 -0.22 -10.36
CA ARG A 342 -2.89 1.19 -9.99
C ARG A 342 -3.95 1.53 -8.93
N LEU A 343 -5.23 1.24 -9.21
CA LEU A 343 -6.29 1.49 -8.24
C LEU A 343 -5.96 0.95 -6.85
N ARG A 344 -5.43 -0.26 -6.77
CA ARG A 344 -5.20 -0.82 -5.46
C ARG A 344 -3.85 -0.40 -4.94
N ASP A 345 -3.23 0.58 -5.60
CA ASP A 345 -1.82 0.92 -5.29
C ASP A 345 -0.95 -0.29 -4.89
N LEU A 346 -0.81 -1.28 -5.76
CA LEU A 346 -0.06 -2.52 -5.43
C LEU A 346 1.44 -2.42 -5.71
N GLY A 347 2.26 -2.85 -4.75
CA GLY A 347 3.70 -2.63 -4.84
C GLY A 347 4.42 -3.91 -4.58
N GLY A 348 5.72 -3.93 -4.86
CA GLY A 348 6.52 -5.12 -4.63
C GLY A 348 6.33 -6.19 -5.70
N LEU A 349 6.51 -7.45 -5.32
CA LEU A 349 6.43 -8.53 -6.29
C LEU A 349 5.01 -8.90 -6.62
N ILE A 350 4.81 -9.32 -7.85
CA ILE A 350 3.49 -9.71 -8.28
C ILE A 350 3.68 -10.86 -9.23
N VAL A 351 2.84 -11.89 -9.09
CA VAL A 351 3.05 -13.08 -9.84
C VAL A 351 1.76 -13.39 -10.52
N ILE A 352 1.73 -13.37 -11.83
CA ILE A 352 0.47 -13.55 -12.52
C ILE A 352 0.44 -14.91 -13.11
N ASP A 353 -0.69 -15.59 -13.03
CA ASP A 353 -0.78 -16.90 -13.59
C ASP A 353 -1.69 -16.84 -14.79
N PHE A 354 -1.18 -16.45 -15.96
CA PHE A 354 -2.11 -16.36 -17.10
C PHE A 354 -2.63 -17.71 -17.44
N ILE A 355 -3.80 -17.75 -18.06
CA ILE A 355 -4.25 -18.99 -18.67
C ILE A 355 -3.09 -19.50 -19.50
N ASP A 356 -3.00 -20.80 -19.66
CA ASP A 356 -1.86 -21.38 -20.33
C ASP A 356 -2.12 -21.43 -21.83
N MET A 357 -1.12 -21.03 -22.63
CA MET A 357 -1.23 -21.02 -24.09
C MET A 357 -0.08 -21.78 -24.77
N THR A 358 -0.39 -22.64 -25.74
CA THR A 358 0.69 -23.43 -26.39
C THR A 358 1.65 -22.61 -27.26
N PRO A 359 1.14 -21.86 -28.24
CA PRO A 359 1.87 -21.04 -29.19
C PRO A 359 2.77 -20.04 -28.49
N VAL A 360 4.08 -20.20 -28.54
CA VAL A 360 4.91 -19.21 -27.89
C VAL A 360 4.55 -17.78 -28.31
N ARG A 361 4.24 -17.58 -29.59
CA ARG A 361 3.89 -16.23 -30.05
C ARG A 361 2.86 -15.59 -29.11
N HIS A 362 1.79 -16.31 -28.80
CA HIS A 362 0.86 -15.86 -27.77
C HIS A 362 1.52 -15.41 -26.46
N GLN A 363 2.50 -16.16 -25.99
CA GLN A 363 3.07 -15.79 -24.74
C GLN A 363 3.74 -14.45 -24.81
N ARG A 364 4.18 -14.07 -26.00
CA ARG A 364 4.83 -12.80 -26.13
C ARG A 364 3.78 -11.72 -26.35
N ALA A 365 2.77 -12.03 -27.13
CA ALA A 365 1.69 -11.08 -27.29
C ALA A 365 1.30 -10.64 -25.88
N VAL A 366 1.16 -11.61 -24.99
CA VAL A 366 0.56 -11.32 -23.71
C VAL A 366 1.46 -10.50 -22.80
N GLU A 367 2.68 -10.96 -22.61
CA GLU A 367 3.63 -10.11 -21.92
C GLU A 367 3.63 -8.71 -22.57
N ASN A 368 3.53 -8.63 -23.88
CA ASN A 368 3.68 -7.30 -24.50
C ASN A 368 2.52 -6.43 -24.15
N ARG A 369 1.32 -6.94 -24.41
CA ARG A 369 0.09 -6.32 -23.92
C ARG A 369 0.28 -5.72 -22.54
N LEU A 370 0.67 -6.57 -21.60
CA LEU A 370 0.99 -6.13 -20.26
C LEU A 370 1.93 -4.95 -20.27
N ARG A 371 3.10 -5.07 -20.89
CA ARG A 371 4.04 -3.92 -20.92
C ARG A 371 3.31 -2.70 -21.49
N GLU A 372 2.59 -2.92 -22.58
CA GLU A 372 1.95 -1.78 -23.18
C GLU A 372 1.04 -1.17 -22.14
N ALA A 373 0.16 -2.01 -21.60
CA ALA A 373 -0.89 -1.56 -20.70
C ALA A 373 -0.37 -0.91 -19.42
N VAL A 374 0.90 -1.09 -19.10
CA VAL A 374 1.39 -0.37 -17.94
C VAL A 374 2.30 0.80 -18.21
N ARG A 375 2.28 1.34 -19.43
CA ARG A 375 3.26 2.39 -19.79
C ARG A 375 2.89 3.70 -19.09
N GLN A 376 1.58 3.95 -18.94
CA GLN A 376 1.11 5.18 -18.33
C GLN A 376 1.38 5.21 -16.82
N ASP A 377 1.42 4.05 -16.21
CA ASP A 377 1.68 3.96 -14.78
C ASP A 377 2.85 4.86 -14.39
N ARG A 378 2.68 5.63 -13.31
CA ARG A 378 3.77 6.47 -12.86
C ARG A 378 4.84 5.71 -12.11
N ALA A 379 4.52 4.53 -11.62
CA ALA A 379 5.52 3.82 -10.82
C ALA A 379 6.46 3.03 -11.73
N ARG A 380 7.69 2.84 -11.30
CA ARG A 380 8.59 1.98 -12.03
C ARG A 380 8.12 0.54 -11.94
N ILE A 381 7.92 -0.09 -13.10
CA ILE A 381 7.60 -1.49 -13.16
C ILE A 381 8.68 -2.31 -13.86
N GLN A 382 8.81 -3.57 -13.51
CA GLN A 382 9.66 -4.46 -14.31
C GLN A 382 8.94 -5.74 -14.57
N ILE A 383 8.81 -6.11 -15.83
CA ILE A 383 8.06 -7.29 -16.22
C ILE A 383 9.03 -8.36 -16.65
N SER A 384 8.57 -9.42 -17.28
CA SER A 384 9.43 -10.56 -17.47
C SER A 384 8.65 -11.69 -18.11
N HIS A 385 9.35 -12.65 -18.71
CA HIS A 385 8.66 -13.60 -19.60
C HIS A 385 7.90 -14.64 -18.81
N ILE A 386 6.94 -15.27 -19.46
CA ILE A 386 6.17 -16.33 -18.82
C ILE A 386 7.12 -17.50 -18.63
N SER A 387 7.27 -17.97 -17.39
CA SER A 387 8.11 -19.13 -17.02
C SER A 387 7.58 -20.43 -17.62
N ARG A 388 8.34 -21.52 -17.46
CA ARG A 388 7.87 -22.75 -18.07
C ARG A 388 6.72 -23.30 -17.28
N PHE A 389 6.48 -22.69 -16.13
CA PHE A 389 5.33 -23.08 -15.30
C PHE A 389 4.09 -22.27 -15.67
N GLY A 390 4.26 -21.31 -16.58
CA GLY A 390 3.15 -20.49 -16.99
C GLY A 390 3.00 -19.29 -16.08
N LEU A 391 3.99 -19.05 -15.24
CA LEU A 391 3.92 -17.92 -14.32
C LEU A 391 4.61 -16.70 -14.87
N LEU A 392 4.05 -15.53 -14.65
CA LEU A 392 4.75 -14.32 -15.02
C LEU A 392 5.03 -13.49 -13.78
N GLU A 393 6.31 -13.20 -13.51
CA GLU A 393 6.68 -12.40 -12.34
C GLU A 393 6.87 -10.95 -12.74
N MET A 394 6.47 -10.02 -11.88
CA MET A 394 6.73 -8.63 -12.15
C MET A 394 6.92 -7.89 -10.86
N SER A 395 7.35 -6.64 -10.95
CA SER A 395 7.60 -5.87 -9.75
C SER A 395 7.18 -4.44 -10.01
N ARG A 396 6.59 -3.79 -9.00
CA ARG A 396 6.06 -2.46 -9.19
C ARG A 396 6.35 -1.69 -7.93
N GLN A 397 6.90 -0.51 -8.11
CA GLN A 397 7.49 0.23 -7.01
C GLN A 397 6.40 0.76 -6.10
N ARG A 398 6.61 0.66 -4.79
CA ARG A 398 5.71 1.29 -3.82
C ARG A 398 5.71 2.80 -3.91
N LEU A 399 4.68 3.37 -4.53
CA LEU A 399 4.51 4.83 -4.49
C LEU A 399 3.91 5.24 -3.17
N SER A 400 2.84 4.57 -2.78
CA SER A 400 2.21 4.76 -1.48
C SER A 400 1.68 3.43 -0.95
N PRO A 401 1.02 3.46 0.22
CA PRO A 401 0.47 2.22 0.77
C PRO A 401 -0.74 1.76 -0.03
N SER A 402 -1.09 0.48 0.08
CA SER A 402 -2.11 -0.10 -0.78
C SER A 402 -3.45 -0.11 -0.09
N LEU A 403 -4.52 -0.19 -0.88
CA LEU A 403 -5.87 -0.39 -0.33
C LEU A 403 -5.84 -1.27 0.90
N GLY A 404 -5.44 -2.51 0.72
CA GLY A 404 -5.54 -3.47 1.78
C GLY A 404 -4.81 -3.05 3.03
N GLU A 405 -3.74 -2.28 2.88
CA GLU A 405 -2.99 -1.84 4.04
C GLU A 405 -3.69 -0.65 4.67
N SER A 406 -4.38 0.12 3.83
CA SER A 406 -4.87 1.39 4.29
C SER A 406 -6.37 1.48 4.43
N SER A 407 -7.11 0.44 4.08
CA SER A 407 -8.57 0.49 4.21
C SER A 407 -9.12 -0.88 4.46
N HIS A 408 -8.26 -1.74 4.97
CA HIS A 408 -8.70 -3.02 5.37
C HIS A 408 -7.93 -3.29 6.63
N HIS A 409 -8.34 -4.33 7.35
CA HIS A 409 -7.58 -4.78 8.48
C HIS A 409 -7.64 -6.28 8.40
N VAL A 410 -6.68 -6.94 9.08
CA VAL A 410 -6.62 -8.41 9.04
C VAL A 410 -7.88 -9.05 9.61
N CYS A 411 -8.57 -9.81 8.80
CA CYS A 411 -9.76 -10.52 9.28
C CYS A 411 -9.46 -11.11 10.63
N PRO A 412 -10.27 -10.78 11.66
CA PRO A 412 -9.90 -11.25 12.99
C PRO A 412 -10.48 -12.61 13.35
N ARG A 413 -11.28 -13.22 12.48
CA ARG A 413 -11.69 -14.62 12.66
C ARG A 413 -10.52 -15.57 12.40
N CYS A 414 -10.24 -15.81 11.11
CA CYS A 414 -8.99 -16.44 10.66
C CYS A 414 -8.04 -15.28 10.82
N SER A 415 -6.73 -15.50 10.99
CA SER A 415 -5.93 -14.30 11.27
C SER A 415 -5.06 -13.94 10.09
N GLY A 416 -5.66 -14.00 8.91
CA GLY A 416 -4.96 -13.81 7.66
C GLY A 416 -5.11 -15.07 6.83
N THR A 417 -5.24 -16.21 7.47
CA THR A 417 -5.17 -17.41 6.68
C THR A 417 -6.31 -17.62 5.69
N GLY A 418 -7.47 -17.04 5.94
CA GLY A 418 -8.60 -17.22 5.03
C GLY A 418 -9.22 -18.60 5.16
N THR A 419 -8.75 -19.38 6.12
CA THR A 419 -9.47 -20.62 6.41
C THR A 419 -9.62 -20.79 7.90
N VAL A 420 -10.59 -21.62 8.26
CA VAL A 420 -10.79 -22.02 9.65
C VAL A 420 -10.71 -23.52 9.69
N ARG A 421 -10.00 -24.06 10.69
CA ARG A 421 -9.85 -25.49 10.85
C ARG A 421 -11.15 -26.20 11.22
N ASP A 422 -11.60 -27.15 10.41
CA ASP A 422 -12.81 -27.92 10.74
C ASP A 422 -12.89 -28.30 12.24
N ASN A 423 -14.10 -28.55 12.74
CA ASN A 423 -14.32 -28.72 14.21
C ASN A 423 -13.63 -29.91 14.86
N GLU A 424 -13.95 -31.12 14.39
CA GLU A 424 -13.28 -32.31 14.90
C GLU A 424 -11.76 -32.10 14.90
N SER A 425 -11.20 -31.87 13.71
CA SER A 425 -9.77 -31.69 13.63
C SER A 425 -9.31 -30.85 14.78
N LEU A 426 -9.98 -29.75 15.02
CA LEU A 426 -9.52 -28.85 16.05
C LEU A 426 -9.69 -29.50 17.43
N SER A 427 -10.74 -30.30 17.56
CA SER A 427 -11.13 -30.79 18.86
C SER A 427 -10.15 -31.84 19.28
N LEU A 428 -10.00 -32.82 18.39
CA LEU A 428 -9.03 -33.88 18.56
C LEU A 428 -7.68 -33.27 18.86
N SER A 429 -7.33 -32.25 18.11
CA SER A 429 -6.19 -31.47 18.43
C SER A 429 -6.21 -31.16 19.93
N ILE A 430 -7.28 -30.52 20.39
CA ILE A 430 -7.34 -30.03 21.77
C ILE A 430 -7.32 -31.16 22.78
N LEU A 431 -8.09 -32.19 22.47
CA LEU A 431 -8.04 -33.37 23.28
C LEU A 431 -6.59 -33.79 23.57
N ARG A 432 -5.79 -33.98 22.50
CA ARG A 432 -4.39 -34.39 22.68
C ARG A 432 -3.65 -33.41 23.55
N LEU A 433 -3.87 -32.14 23.32
CA LEU A 433 -3.22 -31.15 24.13
C LEU A 433 -3.60 -31.40 25.58
N ILE A 434 -4.89 -31.63 25.81
CA ILE A 434 -5.35 -31.89 27.18
C ILE A 434 -4.62 -33.07 27.83
N GLU A 435 -4.62 -34.23 27.18
CA GLU A 435 -3.96 -35.38 27.81
C GLU A 435 -2.53 -35.02 28.16
N GLU A 436 -1.85 -34.35 27.23
CA GLU A 436 -0.45 -34.03 27.44
C GLU A 436 -0.29 -33.25 28.72
N GLU A 437 -1.08 -32.23 28.88
CA GLU A 437 -0.98 -31.42 30.08
C GLU A 437 -1.36 -32.24 31.33
N ALA A 438 -2.28 -33.18 31.17
CA ALA A 438 -2.69 -34.04 32.27
C ALA A 438 -1.52 -34.87 32.77
N LEU A 439 -0.59 -35.19 31.86
CA LEU A 439 0.56 -36.07 32.15
C LEU A 439 1.61 -35.44 33.03
N LYS A 440 1.84 -34.14 32.85
CA LYS A 440 2.88 -33.48 33.62
C LYS A 440 2.76 -33.77 35.12
N GLU A 441 3.89 -34.05 35.76
CA GLU A 441 3.92 -34.31 37.19
C GLU A 441 3.48 -33.05 37.92
N ASN A 442 2.82 -33.22 39.06
CA ASN A 442 2.41 -32.08 39.86
C ASN A 442 1.18 -31.35 39.29
N THR A 443 0.39 -32.02 38.47
CA THR A 443 -0.82 -31.41 37.91
C THR A 443 -2.03 -31.77 38.76
N GLN A 444 -2.87 -30.77 39.07
CA GLN A 444 -4.11 -31.05 39.80
C GLN A 444 -5.32 -31.05 38.86
N GLU A 445 -5.44 -29.99 38.08
CA GLU A 445 -6.49 -29.95 37.05
C GLU A 445 -6.01 -29.30 35.76
N VAL A 446 -6.75 -29.57 34.69
CA VAL A 446 -6.52 -28.89 33.43
C VAL A 446 -7.85 -28.29 32.96
N HIS A 447 -7.82 -27.01 32.62
CA HIS A 447 -9.02 -26.36 32.14
C HIS A 447 -8.84 -26.04 30.69
N ALA A 448 -9.69 -26.64 29.87
CA ALA A 448 -9.76 -26.27 28.47
C ALA A 448 -10.91 -25.30 28.34
N ILE A 449 -10.63 -24.10 27.85
CA ILE A 449 -11.68 -23.12 27.64
C ILE A 449 -11.85 -22.91 26.15
N VAL A 450 -13.03 -23.14 25.62
CA VAL A 450 -13.11 -23.38 24.21
C VAL A 450 -14.43 -23.00 23.60
N PRO A 451 -14.43 -22.71 22.30
CA PRO A 451 -15.65 -22.42 21.58
C PRO A 451 -16.73 -23.42 21.94
N VAL A 452 -17.97 -23.00 21.83
CA VAL A 452 -19.02 -23.85 22.27
C VAL A 452 -18.94 -25.23 21.65
N PRO A 453 -19.06 -25.30 20.32
CA PRO A 453 -19.18 -26.58 19.62
C PRO A 453 -17.98 -27.51 19.85
N ILE A 454 -16.80 -26.94 20.07
CA ILE A 454 -15.70 -27.75 20.51
C ILE A 454 -16.10 -28.46 21.79
N ALA A 455 -16.48 -27.68 22.80
CA ALA A 455 -16.98 -28.23 24.06
C ALA A 455 -18.06 -29.28 23.80
N SER A 456 -19.02 -28.97 22.96
CA SER A 456 -19.99 -29.98 22.70
C SER A 456 -19.28 -31.29 22.32
N TYR A 457 -18.41 -31.18 21.32
CA TYR A 457 -17.74 -32.34 20.73
C TYR A 457 -16.83 -33.04 21.75
N LEU A 458 -16.01 -32.28 22.46
CA LEU A 458 -15.17 -32.93 23.42
C LEU A 458 -16.02 -33.63 24.47
N LEU A 459 -17.21 -33.09 24.75
CA LEU A 459 -18.02 -33.60 25.85
C LEU A 459 -19.16 -34.50 25.43
N ASN A 460 -19.17 -34.91 24.18
CA ASN A 460 -20.07 -35.97 23.79
C ASN A 460 -19.32 -36.97 22.96
N GLU A 461 -19.28 -36.75 21.65
CA GLU A 461 -18.38 -37.50 20.80
C GLU A 461 -17.10 -37.96 21.50
N LYS A 462 -16.43 -37.09 22.23
CA LYS A 462 -15.18 -37.51 22.86
C LYS A 462 -15.25 -37.67 24.39
N ARG A 463 -16.43 -38.02 24.90
CA ARG A 463 -16.62 -38.10 26.36
C ARG A 463 -15.72 -39.18 27.00
N SER A 464 -15.84 -40.41 26.46
CA SER A 464 -15.01 -41.54 26.91
C SER A 464 -13.53 -41.17 26.92
N ALA A 465 -13.09 -40.61 25.79
CA ALA A 465 -11.73 -40.12 25.68
C ALA A 465 -11.35 -39.34 26.93
N VAL A 466 -12.04 -38.21 27.13
CA VAL A 466 -11.79 -37.38 28.28
C VAL A 466 -11.87 -38.20 29.55
N ASN A 467 -12.85 -39.12 29.58
CA ASN A 467 -12.97 -40.02 30.73
C ASN A 467 -11.67 -40.78 30.97
N ALA A 468 -11.35 -41.68 30.03
CA ALA A 468 -10.06 -42.37 30.00
C ALA A 468 -8.93 -41.51 30.59
N ILE A 469 -8.65 -40.39 29.95
CA ILE A 469 -7.63 -39.49 30.46
C ILE A 469 -7.74 -39.34 31.97
N GLU A 470 -8.98 -39.19 32.46
CA GLU A 470 -9.19 -38.86 33.86
C GLU A 470 -9.01 -40.06 34.78
N THR A 471 -9.44 -41.23 34.31
CA THR A 471 -9.30 -42.43 35.09
C THR A 471 -7.83 -42.82 35.09
N ARG A 472 -7.17 -42.61 33.95
CA ARG A 472 -5.76 -43.00 33.75
C ARG A 472 -4.77 -42.14 34.50
N GLN A 473 -4.51 -40.96 33.94
CA GLN A 473 -3.79 -39.94 34.67
C GLN A 473 -4.74 -39.52 35.79
N ASP A 474 -5.16 -40.56 36.51
CA ASP A 474 -5.53 -40.51 37.94
C ASP A 474 -6.47 -39.42 38.45
N GLY A 475 -6.13 -38.91 39.64
CA GLY A 475 -6.90 -37.86 40.30
C GLY A 475 -6.67 -36.50 39.68
N VAL A 476 -6.68 -36.44 38.35
CA VAL A 476 -6.52 -35.18 37.65
C VAL A 476 -7.84 -34.79 36.97
N ARG A 477 -8.41 -33.68 37.40
CA ARG A 477 -9.69 -33.22 36.87
C ARG A 477 -9.49 -32.55 35.51
N CYS A 478 -10.25 -32.98 34.53
CA CYS A 478 -10.22 -32.31 33.23
C CYS A 478 -11.47 -31.45 33.01
N VAL A 479 -11.34 -30.16 33.28
CA VAL A 479 -12.45 -29.25 32.99
C VAL A 479 -12.39 -28.69 31.57
N ILE A 480 -13.48 -28.85 30.85
CA ILE A 480 -13.60 -28.38 29.49
C ILE A 480 -14.84 -27.49 29.43
N VAL A 481 -14.69 -26.20 29.66
CA VAL A 481 -15.86 -25.35 29.64
C VAL A 481 -16.14 -24.64 28.33
N PRO A 482 -17.38 -24.75 27.83
CA PRO A 482 -17.77 -24.06 26.61
C PRO A 482 -17.84 -22.62 26.93
N ASN A 483 -17.66 -21.77 25.94
CA ASN A 483 -17.57 -20.33 26.11
C ASN A 483 -18.05 -19.57 24.85
N ASP A 484 -19.12 -18.76 24.95
CA ASP A 484 -19.67 -18.15 23.73
C ASP A 484 -18.94 -16.88 23.34
N GLN A 485 -17.98 -16.49 24.17
CA GLN A 485 -17.13 -15.37 23.86
C GLN A 485 -15.94 -15.77 22.98
N MET A 486 -16.03 -16.91 22.31
CA MET A 486 -14.91 -17.47 21.51
C MET A 486 -15.43 -18.08 20.24
N GLU A 487 -14.73 -17.86 19.13
CA GLU A 487 -15.04 -18.68 17.95
C GLU A 487 -13.88 -19.61 17.51
N THR A 488 -14.25 -20.58 16.70
CA THR A 488 -13.34 -21.63 16.36
C THR A 488 -12.32 -21.16 15.35
N PRO A 489 -11.19 -20.69 15.87
CA PRO A 489 -9.91 -21.40 15.95
C PRO A 489 -9.37 -21.17 17.36
N HIS A 490 -9.88 -20.15 18.07
CA HIS A 490 -9.26 -19.70 19.32
C HIS A 490 -9.69 -20.55 20.51
N TYR A 491 -8.77 -20.76 21.45
CA TYR A 491 -9.06 -21.55 22.63
C TYR A 491 -7.93 -21.38 23.62
N HIS A 492 -8.14 -21.84 24.84
CA HIS A 492 -7.10 -21.82 25.86
C HIS A 492 -7.03 -23.15 26.56
N VAL A 493 -5.82 -23.57 26.88
CA VAL A 493 -5.67 -24.65 27.82
C VAL A 493 -4.75 -24.24 28.94
N LEU A 494 -5.23 -24.30 30.18
CA LEU A 494 -4.43 -23.96 31.34
C LEU A 494 -4.24 -25.21 32.17
N ARG A 495 -3.20 -25.20 32.99
CA ARG A 495 -2.81 -26.36 33.78
C ARG A 495 -2.76 -25.85 35.20
N VAL A 496 -3.50 -26.50 36.09
CA VAL A 496 -3.56 -26.03 37.47
C VAL A 496 -2.81 -27.00 38.37
N ARG A 497 -1.74 -26.52 38.98
CA ARG A 497 -0.82 -27.37 39.73
C ARG A 497 -1.39 -27.79 41.10
N LYS A 498 -1.03 -28.98 41.58
CA LYS A 498 -1.41 -29.40 42.93
C LYS A 498 -1.15 -28.21 43.85
N GLY A 499 -2.15 -27.84 44.64
CA GLY A 499 -2.05 -26.66 45.48
C GLY A 499 -2.88 -25.50 44.96
N GLU A 500 -2.55 -25.01 43.77
CA GLU A 500 -3.13 -23.76 43.26
C GLU A 500 -4.64 -23.79 42.88
N GLU A 501 -5.30 -24.93 43.05
CA GLU A 501 -6.71 -25.09 42.62
C GLU A 501 -7.72 -24.38 43.52
N THR A 502 -8.91 -24.10 42.97
CA THR A 502 -9.96 -23.40 43.69
C THR A 502 -11.28 -24.14 43.62
N PRO A 503 -12.29 -23.65 44.35
CA PRO A 503 -13.60 -24.28 44.33
C PRO A 503 -14.51 -23.58 43.32
N THR A 504 -13.92 -23.01 42.27
CA THR A 504 -14.72 -22.28 41.29
C THR A 504 -15.66 -23.17 40.46
N LEU A 505 -16.66 -22.54 39.85
CA LEU A 505 -17.60 -23.29 39.04
C LEU A 505 -17.11 -23.42 37.60
N SER A 506 -17.33 -24.59 37.00
CA SER A 506 -16.99 -24.78 35.60
C SER A 506 -17.22 -23.52 34.73
N TYR A 507 -18.46 -23.11 34.55
CA TYR A 507 -18.74 -21.93 33.72
C TYR A 507 -18.24 -20.61 34.31
N MET A 508 -17.81 -20.59 35.56
CA MET A 508 -17.25 -19.36 36.10
C MET A 508 -15.78 -19.23 35.73
N LEU A 509 -15.22 -20.32 35.21
CA LEU A 509 -13.80 -20.38 34.90
C LEU A 509 -13.32 -19.35 33.88
N PRO A 510 -14.01 -19.23 32.72
CA PRO A 510 -13.58 -18.26 31.70
C PRO A 510 -13.28 -16.90 32.31
N LYS A 511 -14.21 -16.36 33.09
CA LYS A 511 -13.96 -15.08 33.76
C LYS A 511 -12.83 -15.18 34.78
N LEU A 512 -12.87 -16.15 35.68
CA LEU A 512 -11.73 -16.30 36.59
C LEU A 512 -10.41 -16.17 35.81
N HIS A 513 -10.36 -16.81 34.64
CA HIS A 513 -9.13 -16.88 33.85
C HIS A 513 -8.98 -15.75 32.83
N GLU A 514 -9.87 -14.77 32.90
CA GLU A 514 -9.86 -13.67 31.92
C GLU A 514 -8.54 -12.88 31.86
N GLU A 515 -7.68 -13.04 32.85
CA GLU A 515 -6.36 -12.39 32.84
C GLU A 515 -5.32 -13.20 32.05
N ALA A 516 -5.76 -13.82 30.95
CA ALA A 516 -4.91 -14.73 30.18
C ALA A 516 -5.64 -15.35 28.99
MG MG C . -5.24 -20.90 -13.46
ZN ZN D . -11.20 -14.57 7.94
MG MG E . -4.58 -15.38 1.45
#